data_9IA6
#
_entry.id   9IA6
#
_cell.length_a   48.113
_cell.length_b   48.506
_cell.length_c   253.105
_cell.angle_alpha   90
_cell.angle_beta   90
_cell.angle_gamma   90
#
_symmetry.space_group_name_H-M   'P 21 21 21'
#
loop_
_entity.id
_entity.type
_entity.pdbx_description
1 polymer '5-hydroxymethyl-dUMP N-hydrolase'
2 non-polymer 'CHLORIDE ION'
3 non-polymer '8-[3-(6-cyano-1~{H}-indol-2-yl)-5-[[1-[2-(methylamino)phenyl]carbonylpiperidin-4-yl]amino]-1,2,4-triazol-1-yl]octanoic acid'
4 water water
#
_entity_poly.entity_id   1
_entity_poly.type   'polypeptide(L)'
_entity_poly.pdbx_seq_one_letter_code
;MRPALYFCGSIRGGREDRTLYERIVSRLRRFGTVLTEHVAAAELGARGEEAAGGDRLIHEQDLEWLQQADVVVAEVTQPS
LGVGYELGRAVAFNKRILCLFRPQSGRVLSAMIRGAADGSRFQVWDYEEGEVEALLDRYFEADPLEENLYFQ
;
_entity_poly.pdbx_strand_id   A,B,C,D
#
# COMPACT_ATOMS: atom_id res chain seq x y z
N ARG A 2 -10.43 4.02 28.72
CA ARG A 2 -10.81 5.34 28.21
C ARG A 2 -10.37 5.48 26.75
N PRO A 3 -11.14 6.20 25.92
CA PRO A 3 -10.71 6.41 24.52
C PRO A 3 -9.38 7.18 24.45
N ALA A 4 -8.51 6.82 23.51
CA ALA A 4 -7.21 7.49 23.35
C ALA A 4 -7.35 8.57 22.28
N LEU A 5 -6.98 9.77 22.62
CA LEU A 5 -7.11 10.92 21.73
C LEU A 5 -5.75 11.45 21.35
N TYR A 6 -5.59 11.75 20.09
CA TYR A 6 -4.35 12.30 19.57
C TYR A 6 -4.59 13.76 19.16
N PHE A 7 -3.81 14.71 19.70
CA PHE A 7 -3.94 16.11 19.30
C PHE A 7 -2.66 16.54 18.58
N CYS A 8 -2.83 17.30 17.49
CA CYS A 8 -1.67 17.89 16.81
C CYS A 8 -2.04 19.24 16.22
N GLY A 9 -1.02 20.07 16.09
CA GLY A 9 -1.15 21.39 15.52
C GLY A 9 0.18 21.89 15.00
N SER A 10 0.15 22.96 14.21
CA SER A 10 1.35 23.53 13.65
C SER A 10 2.19 24.22 14.70
N ILE A 11 3.49 24.31 14.44
CA ILE A 11 4.38 25.02 15.34
C ILE A 11 4.04 26.52 15.34
N ARG A 12 3.65 27.08 14.17
CA ARG A 12 3.25 28.48 14.09
C ARG A 12 1.99 28.74 14.91
N GLY A 13 1.00 27.85 14.77
CA GLY A 13 -0.24 27.98 15.54
C GLY A 13 -0.01 27.85 17.03
N GLY A 14 0.98 27.08 17.41
CA GLY A 14 1.34 26.91 18.81
C GLY A 14 2.00 28.15 19.37
N ARG A 15 2.86 28.79 18.56
CA ARG A 15 3.54 30.03 18.96
C ARG A 15 2.54 31.17 19.17
N GLU A 16 1.81 31.59 18.12
CA GLU A 16 0.87 32.70 18.27
C GLU A 16 -0.37 32.35 19.11
N ASP A 17 -0.84 31.09 19.05
CA ASP A 17 -2.03 30.71 19.84
C ASP A 17 -1.76 29.56 20.82
N ARG A 18 -0.79 29.74 21.74
CA ARG A 18 -0.43 28.75 22.77
C ARG A 18 -1.64 28.35 23.64
N THR A 19 -2.41 29.36 24.07
CA THR A 19 -3.62 29.21 24.87
C THR A 19 -4.67 28.41 24.12
N LEU A 20 -4.76 28.59 22.79
CA LEU A 20 -5.75 27.87 22.00
C LEU A 20 -5.49 26.37 22.05
N TYR A 21 -4.25 25.94 21.81
CA TYR A 21 -3.90 24.52 21.84
C TYR A 21 -4.12 23.94 23.24
N GLU A 22 -3.80 24.72 24.28
CA GLU A 22 -4.03 24.29 25.65
C GLU A 22 -5.51 24.16 25.97
N ARG A 23 -6.34 25.03 25.42
CA ARG A 23 -7.78 24.96 25.62
C ARG A 23 -8.35 23.73 24.97
N ILE A 24 -7.87 23.39 23.77
CA ILE A 24 -8.31 22.22 23.03
C ILE A 24 -7.94 20.96 23.81
N VAL A 25 -6.68 20.86 24.23
CA VAL A 25 -6.22 19.71 24.99
C VAL A 25 -6.99 19.56 26.29
N SER A 26 -7.19 20.68 27.03
CA SER A 26 -7.97 20.64 28.29
C SER A 26 -9.37 20.10 28.07
N ARG A 27 -10.03 20.52 26.99
CA ARG A 27 -11.37 20.05 26.69
C ARG A 27 -11.37 18.58 26.29
N LEU A 28 -10.38 18.17 25.45
CA LEU A 28 -10.25 16.78 25.04
C LEU A 28 -10.07 15.84 26.21
N ARG A 29 -9.41 16.27 27.31
CA ARG A 29 -9.21 15.46 28.50
C ARG A 29 -10.53 14.97 29.12
N ARG A 30 -11.63 15.68 28.90
CA ARG A 30 -12.93 15.24 29.39
C ARG A 30 -13.45 14.02 28.64
N PHE A 31 -12.96 13.78 27.42
CA PHE A 31 -13.44 12.67 26.61
C PHE A 31 -12.48 11.53 26.43
N GLY A 32 -11.33 11.59 27.08
CA GLY A 32 -10.36 10.50 26.99
C GLY A 32 -8.96 10.94 27.33
N THR A 33 -8.00 10.04 27.11
CA THR A 33 -6.61 10.33 27.40
C THR A 33 -6.03 11.06 26.20
N VAL A 34 -5.37 12.21 26.40
CA VAL A 34 -4.73 12.92 25.29
C VAL A 34 -3.27 12.50 25.25
N LEU A 35 -2.92 11.58 24.36
CA LEU A 35 -1.57 11.04 24.21
C LEU A 35 -0.49 12.08 24.00
N THR A 36 -0.80 13.15 23.29
CA THR A 36 0.18 14.19 22.96
C THR A 36 0.09 15.43 23.86
N GLU A 37 -0.53 15.30 25.06
CA GLU A 37 -0.71 16.47 25.92
C GLU A 37 0.58 17.05 26.45
N HIS A 38 1.63 16.26 26.61
CA HIS A 38 2.91 16.77 27.10
C HIS A 38 3.92 17.09 26.03
N VAL A 39 3.48 17.22 24.78
CA VAL A 39 4.39 17.55 23.69
C VAL A 39 4.76 19.02 23.72
N ALA A 40 6.05 19.32 23.79
CA ALA A 40 6.52 20.70 23.79
C ALA A 40 7.15 20.93 22.41
N ALA A 41 6.31 21.44 21.48
CA ALA A 41 6.60 21.66 20.06
C ALA A 41 8.01 22.20 19.73
N ALA A 42 8.58 23.08 20.58
CA ALA A 42 9.95 23.56 20.35
C ALA A 42 10.96 22.44 20.71
N GLU A 43 11.21 21.55 19.73
CA GLU A 43 12.07 20.36 19.71
C GLU A 43 12.85 20.34 18.37
N GLY A 54 17.48 10.93 16.44
CA GLY A 54 17.00 12.24 16.87
C GLY A 54 15.59 12.51 16.37
N ASP A 55 15.51 12.94 15.10
CA ASP A 55 14.23 13.14 14.41
C ASP A 55 13.53 11.79 14.19
N ARG A 56 14.31 10.70 14.00
CA ARG A 56 13.76 9.36 13.82
C ARG A 56 13.01 8.93 15.07
N LEU A 57 13.55 9.24 16.26
CA LEU A 57 12.89 8.89 17.51
C LEU A 57 11.56 9.62 17.63
N ILE A 58 11.53 10.91 17.24
CA ILE A 58 10.30 11.70 17.25
C ILE A 58 9.26 11.11 16.31
N HIS A 59 9.68 10.78 15.08
CA HIS A 59 8.83 10.17 14.07
C HIS A 59 8.25 8.83 14.55
N GLU A 60 9.08 7.98 15.14
CA GLU A 60 8.60 6.69 15.63
C GLU A 60 7.63 6.83 16.78
N GLN A 61 7.88 7.75 17.72
CA GLN A 61 6.97 7.97 18.84
C GLN A 61 5.62 8.50 18.32
N ASP A 62 5.67 9.43 17.37
CA ASP A 62 4.50 10.01 16.74
C ASP A 62 3.64 8.92 16.08
N LEU A 63 4.28 8.02 15.33
CA LEU A 63 3.60 6.94 14.67
C LEU A 63 2.96 6.00 15.66
N GLU A 64 3.65 5.70 16.77
CA GLU A 64 3.11 4.84 17.82
C GLU A 64 1.86 5.47 18.42
N TRP A 65 1.87 6.78 18.68
CA TRP A 65 0.69 7.46 19.21
C TRP A 65 -0.47 7.53 18.21
N LEU A 66 -0.13 7.71 16.94
CA LEU A 66 -1.12 7.75 15.87
C LEU A 66 -1.81 6.40 15.74
N GLN A 67 -1.05 5.29 15.87
CA GLN A 67 -1.61 3.95 15.80
C GLN A 67 -2.46 3.63 17.01
N GLN A 68 -2.10 4.15 18.19
CA GLN A 68 -2.85 3.93 19.43
C GLN A 68 -4.13 4.74 19.52
N ALA A 69 -4.26 5.81 18.74
CA ALA A 69 -5.39 6.71 18.87
C ALA A 69 -6.70 6.16 18.41
N ASP A 70 -7.77 6.53 19.06
CA ASP A 70 -9.12 6.21 18.63
C ASP A 70 -9.59 7.37 17.76
N VAL A 71 -9.27 8.64 18.16
CA VAL A 71 -9.62 9.84 17.39
C VAL A 71 -8.39 10.72 17.25
N VAL A 72 -8.25 11.33 16.08
CA VAL A 72 -7.17 12.27 15.81
C VAL A 72 -7.80 13.64 15.64
N VAL A 73 -7.36 14.62 16.43
CA VAL A 73 -7.83 16.00 16.37
C VAL A 73 -6.67 16.88 15.92
N ALA A 74 -6.79 17.47 14.74
CA ALA A 74 -5.72 18.31 14.19
C ALA A 74 -6.17 19.74 13.99
N GLU A 75 -5.37 20.70 14.44
CA GLU A 75 -5.66 22.10 14.21
C GLU A 75 -4.96 22.43 12.88
N VAL A 76 -5.74 22.62 11.82
CA VAL A 76 -5.21 22.80 10.47
C VAL A 76 -5.25 24.25 9.96
N THR A 77 -5.31 25.25 10.86
CA THR A 77 -5.37 26.66 10.43
C THR A 77 -4.09 27.11 9.72
N GLN A 78 -2.91 26.75 10.24
CA GLN A 78 -1.66 27.13 9.58
C GLN A 78 -1.06 25.93 8.83
N PRO A 79 -0.43 26.20 7.68
CA PRO A 79 0.26 25.14 6.95
C PRO A 79 1.35 24.46 7.79
N SER A 80 1.47 23.12 7.63
CA SER A 80 2.46 22.34 8.35
C SER A 80 2.70 21.01 7.64
N LEU A 81 3.96 20.71 7.32
CA LEU A 81 4.29 19.40 6.74
C LEU A 81 4.02 18.30 7.76
N GLY A 82 4.36 18.54 9.03
CA GLY A 82 4.15 17.57 10.09
C GLY A 82 2.70 17.23 10.31
N VAL A 83 1.82 18.25 10.37
CA VAL A 83 0.40 18.01 10.58
C VAL A 83 -0.19 17.26 9.41
N GLY A 84 0.20 17.65 8.20
CA GLY A 84 -0.27 16.98 7.00
C GLY A 84 0.16 15.53 6.96
N TYR A 85 1.44 15.28 7.31
CA TYR A 85 2.01 13.95 7.33
C TYR A 85 1.27 13.08 8.32
N GLU A 86 1.02 13.61 9.52
CA GLU A 86 0.28 12.88 10.55
C GLU A 86 -1.14 12.56 10.09
N LEU A 87 -1.78 13.47 9.37
CA LEU A 87 -3.14 13.25 8.84
C LEU A 87 -3.13 12.16 7.77
N GLY A 88 -2.11 12.15 6.92
CA GLY A 88 -1.99 11.15 5.88
C GLY A 88 -1.80 9.77 6.47
N ARG A 89 -0.93 9.67 7.49
CA ARG A 89 -0.70 8.39 8.14
C ARG A 89 -1.97 7.95 8.86
N ALA A 90 -2.66 8.89 9.52
CA ALA A 90 -3.90 8.60 10.26
C ALA A 90 -5.00 8.06 9.35
N VAL A 91 -5.14 8.63 8.13
CA VAL A 91 -6.13 8.15 7.19
C VAL A 91 -5.82 6.72 6.79
N ALA A 92 -4.55 6.45 6.50
CA ALA A 92 -4.15 5.10 6.12
C ALA A 92 -4.25 4.11 7.29
N PHE A 93 -4.12 4.59 8.54
CA PHE A 93 -4.32 3.72 9.71
C PHE A 93 -5.84 3.53 10.01
N ASN A 94 -6.74 4.06 9.15
CA ASN A 94 -8.19 3.99 9.32
C ASN A 94 -8.69 4.64 10.61
N LYS A 95 -8.12 5.80 10.96
CA LYS A 95 -8.51 6.49 12.18
C LYS A 95 -9.63 7.46 11.93
N ARG A 96 -10.42 7.73 12.98
CA ARG A 96 -11.47 8.73 12.95
C ARG A 96 -10.74 10.08 13.14
N ILE A 97 -10.95 11.03 12.25
CA ILE A 97 -10.25 12.31 12.27
C ILE A 97 -11.18 13.52 12.31
N LEU A 98 -10.82 14.52 13.12
CA LEU A 98 -11.51 15.80 13.19
C LEU A 98 -10.47 16.90 13.00
N CYS A 99 -10.62 17.69 11.93
CA CYS A 99 -9.75 18.82 11.64
C CYS A 99 -10.48 20.10 12.03
N LEU A 100 -9.77 21.01 12.68
CA LEU A 100 -10.33 22.28 13.12
C LEU A 100 -9.65 23.41 12.37
N PHE A 101 -10.42 24.15 11.57
CA PHE A 101 -9.89 25.25 10.78
C PHE A 101 -10.53 26.62 11.13
N ARG A 102 -9.74 27.67 11.26
CA ARG A 102 -10.25 29.01 11.55
C ARG A 102 -10.21 29.87 10.28
N PRO A 103 -11.36 30.07 9.61
CA PRO A 103 -11.36 30.90 8.40
C PRO A 103 -11.17 32.40 8.68
N ARG A 107 -7.34 32.88 5.33
CA ARG A 107 -6.61 31.73 4.83
C ARG A 107 -7.49 30.77 4.08
N VAL A 108 -6.89 30.04 3.15
CA VAL A 108 -7.56 29.02 2.38
C VAL A 108 -7.01 27.67 2.84
N LEU A 109 -7.90 26.79 3.33
CA LEU A 109 -7.47 25.46 3.74
C LEU A 109 -7.16 24.64 2.50
N SER A 110 -6.02 23.93 2.52
CA SER A 110 -5.58 23.03 1.45
C SER A 110 -6.70 22.12 0.94
N ALA A 111 -6.83 21.99 -0.38
CA ALA A 111 -7.84 21.12 -0.97
C ALA A 111 -7.60 19.65 -0.62
N MET A 112 -6.34 19.26 -0.31
CA MET A 112 -6.02 17.89 0.10
C MET A 112 -6.70 17.57 1.43
N ILE A 113 -6.83 18.57 2.32
CA ILE A 113 -7.44 18.35 3.61
C ILE A 113 -8.96 18.49 3.53
N ARG A 114 -9.43 19.57 2.89
CA ARG A 114 -10.86 19.80 2.70
C ARG A 114 -11.49 18.65 1.90
N GLY A 115 -10.76 18.17 0.89
CA GLY A 115 -11.21 17.09 0.04
C GLY A 115 -11.16 15.73 0.65
N ALA A 116 -10.34 15.53 1.69
CA ALA A 116 -10.28 14.23 2.37
C ALA A 116 -11.52 13.98 3.23
N ALA A 117 -12.31 15.03 3.52
CA ALA A 117 -13.51 14.95 4.34
C ALA A 117 -14.60 14.14 3.69
N ASP A 118 -15.19 13.26 4.49
CA ASP A 118 -16.31 12.46 4.05
C ASP A 118 -17.57 12.65 4.94
N GLY A 119 -17.58 13.66 5.80
CA GLY A 119 -18.69 13.97 6.68
C GLY A 119 -18.90 13.02 7.85
N SER A 120 -18.07 11.97 7.95
CA SER A 120 -18.22 11.01 9.04
C SER A 120 -16.87 10.66 9.69
N ARG A 121 -16.11 9.78 9.03
CA ARG A 121 -14.82 9.31 9.50
C ARG A 121 -13.73 10.38 9.42
N PHE A 122 -13.83 11.31 8.49
CA PHE A 122 -12.90 12.40 8.36
C PHE A 122 -13.78 13.65 8.23
N GLN A 123 -13.72 14.52 9.24
CA GLN A 123 -14.50 15.75 9.24
C GLN A 123 -13.63 16.97 9.39
N VAL A 124 -13.98 18.05 8.70
CA VAL A 124 -13.28 19.32 8.77
C VAL A 124 -14.29 20.37 9.21
N TRP A 125 -14.06 20.98 10.36
CA TRP A 125 -14.98 21.98 10.88
C TRP A 125 -14.36 23.36 10.94
N ASP A 126 -15.01 24.32 10.29
CA ASP A 126 -14.64 25.72 10.34
C ASP A 126 -15.15 26.27 11.68
N TYR A 127 -14.35 27.09 12.35
CA TYR A 127 -14.73 27.64 13.65
C TYR A 127 -14.08 28.99 13.97
N GLU A 128 -14.60 29.68 14.99
CA GLU A 128 -14.05 30.91 15.53
C GLU A 128 -13.46 30.54 16.89
N GLU A 129 -12.24 31.03 17.19
CA GLU A 129 -11.50 30.74 18.42
C GLU A 129 -12.35 30.49 19.70
N GLY A 130 -13.30 31.38 19.97
CA GLY A 130 -14.12 31.32 21.17
C GLY A 130 -15.07 30.15 21.31
N GLU A 131 -15.49 29.54 20.19
CA GLU A 131 -16.43 28.42 20.26
C GLU A 131 -15.80 27.04 20.25
N VAL A 132 -14.46 26.93 20.37
CA VAL A 132 -13.79 25.63 20.27
C VAL A 132 -14.27 24.63 21.33
N GLU A 133 -14.53 25.06 22.58
CA GLU A 133 -15.02 24.15 23.62
C GLU A 133 -16.40 23.61 23.28
N ALA A 134 -17.27 24.48 22.76
CA ALA A 134 -18.63 24.08 22.39
C ALA A 134 -18.64 23.08 21.28
N LEU A 135 -17.76 23.25 20.30
CA LEU A 135 -17.68 22.34 19.16
C LEU A 135 -17.18 20.98 19.58
N LEU A 136 -16.15 20.95 20.44
CA LEU A 136 -15.60 19.69 20.93
C LEU A 136 -16.66 18.93 21.72
N ASP A 137 -17.48 19.64 22.52
CA ASP A 137 -18.57 19.04 23.28
C ASP A 137 -19.57 18.40 22.33
N ARG A 138 -19.91 19.10 21.24
CA ARG A 138 -20.86 18.59 20.26
C ARG A 138 -20.32 17.32 19.60
N TYR A 139 -19.05 17.35 19.16
CA TYR A 139 -18.42 16.20 18.50
C TYR A 139 -18.42 14.95 19.37
N PHE A 140 -17.99 15.08 20.63
CA PHE A 140 -17.88 13.94 21.52
C PHE A 140 -19.17 13.54 22.22
N GLU A 141 -20.23 14.35 22.11
CA GLU A 141 -21.53 13.96 22.68
C GLU A 141 -22.43 13.52 21.50
N ALA A 142 -21.87 12.71 20.58
CA ALA A 142 -22.57 12.22 19.40
C ALA A 142 -21.91 10.93 18.89
N MET B 1 8.25 0.35 -20.78
CA MET B 1 7.36 0.85 -19.73
C MET B 1 8.04 2.01 -19.01
N ARG B 2 7.55 3.24 -19.24
CA ARG B 2 8.18 4.40 -18.58
C ARG B 2 7.77 4.52 -17.12
N PRO B 3 8.73 4.82 -16.23
CA PRO B 3 8.37 5.02 -14.82
C PRO B 3 7.42 6.20 -14.63
N ALA B 4 6.47 6.09 -13.70
CA ALA B 4 5.52 7.18 -13.41
C ALA B 4 6.07 7.98 -12.22
N LEU B 5 6.27 9.28 -12.42
CA LEU B 5 6.84 10.18 -11.41
C LEU B 5 5.81 11.15 -10.94
N TYR B 6 5.70 11.27 -9.63
CA TYR B 6 4.74 12.18 -9.02
C TYR B 6 5.54 13.37 -8.45
N PHE B 7 5.19 14.62 -8.81
CA PHE B 7 5.84 15.80 -8.26
C PHE B 7 4.83 16.60 -7.44
N CYS B 8 5.26 17.11 -6.28
CA CYS B 8 4.42 18.02 -5.50
C CYS B 8 5.28 19.04 -4.78
N GLY B 9 4.68 20.18 -4.51
CA GLY B 9 5.32 21.28 -3.81
C GLY B 9 4.28 22.19 -3.18
N SER B 10 4.71 23.06 -2.28
CA SER B 10 3.81 23.97 -1.61
C SER B 10 3.31 25.04 -2.54
N ILE B 11 2.14 25.60 -2.22
CA ILE B 11 1.60 26.72 -2.99
C ILE B 11 2.50 27.93 -2.84
N ARG B 12 3.08 28.17 -1.63
CA ARG B 12 4.00 29.28 -1.39
C ARG B 12 5.26 29.12 -2.24
N GLY B 13 5.82 27.93 -2.25
CA GLY B 13 7.00 27.66 -3.05
C GLY B 13 6.75 27.79 -4.54
N GLY B 14 5.53 27.52 -4.96
CA GLY B 14 5.11 27.67 -6.35
C GLY B 14 5.00 29.13 -6.74
N ARG B 15 4.49 29.96 -5.83
CA ARG B 15 4.36 31.40 -6.06
C ARG B 15 5.76 32.10 -6.02
N GLU B 16 6.49 32.00 -4.89
CA GLU B 16 7.80 32.61 -4.66
C GLU B 16 8.92 32.17 -5.61
N ASP B 17 8.81 30.98 -6.24
CA ASP B 17 9.85 30.51 -7.15
C ASP B 17 9.34 30.39 -8.62
N ARG B 18 8.27 29.63 -8.82
CA ARG B 18 7.60 29.24 -10.07
C ARG B 18 8.53 28.50 -11.04
N THR B 19 9.62 29.17 -11.45
CA THR B 19 10.63 28.61 -12.34
C THR B 19 11.30 27.40 -11.71
N LEU B 20 11.46 27.36 -10.38
CA LEU B 20 12.10 26.21 -9.73
C LEU B 20 11.25 24.97 -9.91
N TYR B 21 9.93 25.04 -9.65
CA TYR B 21 9.05 23.90 -9.84
C TYR B 21 9.01 23.44 -11.29
N GLU B 22 9.02 24.40 -12.22
CA GLU B 22 9.02 24.09 -13.63
C GLU B 22 10.32 23.45 -14.07
N ARG B 23 11.46 23.85 -13.47
CA ARG B 23 12.75 23.25 -13.77
C ARG B 23 12.77 21.81 -13.31
N ILE B 24 12.22 21.55 -12.10
CA ILE B 24 12.19 20.20 -11.54
C ILE B 24 11.34 19.30 -12.43
N VAL B 25 10.12 19.73 -12.77
CA VAL B 25 9.23 18.96 -13.62
C VAL B 25 9.87 18.70 -14.98
N SER B 26 10.48 19.72 -15.59
CA SER B 26 11.16 19.54 -16.89
C SER B 26 12.25 18.49 -16.82
N ARG B 27 13.06 18.50 -15.76
CA ARG B 27 14.11 17.51 -15.60
C ARG B 27 13.54 16.11 -15.34
N LEU B 28 12.46 15.99 -14.54
CA LEU B 28 11.83 14.70 -14.25
C LEU B 28 11.30 14.05 -15.53
N ARG B 29 10.84 14.86 -16.50
CA ARG B 29 10.32 14.35 -17.78
C ARG B 29 11.33 13.51 -18.54
N ARG B 30 12.63 13.73 -18.31
CA ARG B 30 13.65 12.92 -18.95
C ARG B 30 13.65 11.48 -18.42
N PHE B 31 13.15 11.26 -17.22
CA PHE B 31 13.22 9.97 -16.57
C PHE B 31 11.92 9.20 -16.53
N GLY B 32 10.82 9.85 -16.88
CA GLY B 32 9.54 9.19 -16.89
C GLY B 32 8.39 10.13 -17.14
N THR B 33 7.18 9.63 -16.98
CA THR B 33 5.98 10.43 -17.14
C THR B 33 5.71 11.19 -15.84
N VAL B 34 5.46 12.50 -15.88
CA VAL B 34 5.17 13.26 -14.68
C VAL B 34 3.65 13.40 -14.57
N LEU B 35 3.05 12.64 -13.66
CA LEU B 35 1.61 12.60 -13.48
C LEU B 35 1.00 13.94 -13.09
N THR B 36 1.76 14.76 -12.38
CA THR B 36 1.29 16.06 -11.89
C THR B 36 1.88 17.26 -12.65
N GLU B 37 2.39 17.04 -13.86
CA GLU B 37 3.00 18.14 -14.61
C GLU B 37 2.01 19.24 -15.00
N HIS B 38 0.72 18.88 -15.19
CA HIS B 38 -0.27 19.87 -15.57
C HIS B 38 -1.09 20.40 -14.41
N VAL B 39 -0.55 20.31 -13.18
CA VAL B 39 -1.25 20.84 -12.01
C VAL B 39 -0.98 22.36 -11.90
N ALA B 40 -2.05 23.17 -11.90
CA ALA B 40 -1.87 24.63 -11.79
C ALA B 40 -1.53 25.03 -10.34
N ALA B 41 -2.38 24.59 -9.37
CA ALA B 41 -2.38 24.85 -7.92
C ALA B 41 -3.13 26.15 -7.57
N ALA B 42 -4.14 26.49 -8.38
CA ALA B 42 -5.01 27.65 -8.25
C ALA B 42 -6.41 27.01 -8.17
N GLU B 43 -6.61 26.21 -7.10
CA GLU B 43 -7.81 25.42 -6.86
C GLU B 43 -8.46 25.68 -5.49
N GLY B 54 -15.95 18.90 -5.52
CA GLY B 54 -15.09 20.04 -5.79
C GLY B 54 -13.70 19.77 -5.21
N ASP B 55 -13.55 19.97 -3.89
CA ASP B 55 -12.31 19.61 -3.22
C ASP B 55 -12.16 18.07 -3.19
N ARG B 56 -13.29 17.34 -3.09
CA ARG B 56 -13.29 15.89 -3.08
C ARG B 56 -12.75 15.34 -4.41
N LEU B 57 -13.12 15.97 -5.52
CA LEU B 57 -12.63 15.55 -6.83
C LEU B 57 -11.12 15.73 -6.92
N ILE B 58 -10.61 16.85 -6.39
CA ILE B 58 -9.18 17.14 -6.37
C ILE B 58 -8.44 16.10 -5.52
N HIS B 59 -8.96 15.81 -4.32
CA HIS B 59 -8.39 14.84 -3.41
C HIS B 59 -8.35 13.45 -4.05
N GLU B 60 -9.45 13.01 -4.68
CA GLU B 60 -9.50 11.70 -5.31
C GLU B 60 -8.53 11.60 -6.50
N GLN B 61 -8.38 12.67 -7.30
CA GLN B 61 -7.46 12.65 -8.41
C GLN B 61 -6.02 12.54 -7.90
N ASP B 62 -5.71 13.30 -6.85
CA ASP B 62 -4.40 13.28 -6.20
C ASP B 62 -4.06 11.88 -5.69
N LEU B 63 -5.02 11.25 -5.04
CA LEU B 63 -4.87 9.92 -4.49
C LEU B 63 -4.66 8.86 -5.58
N GLU B 64 -5.33 9.03 -6.72
CA GLU B 64 -5.16 8.13 -7.86
C GLU B 64 -3.74 8.26 -8.42
N TRP B 65 -3.22 9.49 -8.53
CA TRP B 65 -1.87 9.71 -9.03
C TRP B 65 -0.82 9.15 -8.07
N LEU B 66 -1.03 9.35 -6.77
CA LEU B 66 -0.13 8.83 -5.75
C LEU B 66 -0.02 7.27 -5.89
N GLN B 67 -1.18 6.58 -6.00
CA GLN B 67 -1.20 5.12 -6.16
C GLN B 67 -0.52 4.63 -7.43
N GLN B 68 -0.57 5.41 -8.51
CA GLN B 68 0.05 5.05 -9.79
C GLN B 68 1.54 5.32 -9.83
N ALA B 69 2.07 6.13 -8.93
CA ALA B 69 3.46 6.54 -8.99
C ALA B 69 4.45 5.45 -8.65
N ASP B 70 5.60 5.50 -9.29
CA ASP B 70 6.72 4.65 -8.95
C ASP B 70 7.58 5.42 -7.94
N VAL B 71 7.77 6.74 -8.16
CA VAL B 71 8.54 7.62 -7.28
C VAL B 71 7.78 8.89 -7.00
N VAL B 72 7.87 9.37 -5.76
CA VAL B 72 7.26 10.63 -5.36
C VAL B 72 8.38 11.61 -5.05
N VAL B 73 8.39 12.76 -5.72
CA VAL B 73 9.35 13.84 -5.53
C VAL B 73 8.62 15.04 -4.94
N ALA B 74 8.99 15.43 -3.71
CA ALA B 74 8.32 16.52 -3.03
C ALA B 74 9.27 17.62 -2.69
N GLU B 75 8.91 18.87 -3.00
CA GLU B 75 9.73 20.03 -2.61
C GLU B 75 9.22 20.42 -1.21
N VAL B 76 10.03 20.16 -0.18
CA VAL B 76 9.60 20.37 1.21
C VAL B 76 10.21 21.60 1.90
N THR B 77 10.62 22.64 1.13
CA THR B 77 11.24 23.85 1.72
C THR B 77 10.22 24.68 2.53
N GLN B 78 9.03 24.87 1.99
CA GLN B 78 8.01 25.61 2.71
C GLN B 78 6.99 24.65 3.33
N PRO B 79 6.50 24.97 4.54
CA PRO B 79 5.47 24.14 5.17
C PRO B 79 4.21 24.06 4.32
N SER B 80 3.50 22.92 4.35
CA SER B 80 2.32 22.67 3.54
C SER B 80 1.57 21.47 4.07
N LEU B 81 0.27 21.64 4.37
CA LEU B 81 -0.56 20.52 4.80
C LEU B 81 -0.71 19.53 3.65
N GLY B 82 -0.87 20.03 2.43
CA GLY B 82 -1.05 19.20 1.25
C GLY B 82 0.15 18.34 0.96
N VAL B 83 1.35 18.93 0.96
CA VAL B 83 2.56 18.17 0.69
C VAL B 83 2.79 17.11 1.77
N GLY B 84 2.58 17.48 3.03
CA GLY B 84 2.72 16.54 4.14
C GLY B 84 1.74 15.40 4.01
N TYR B 85 0.49 15.71 3.67
CA TYR B 85 -0.57 14.73 3.52
C TYR B 85 -0.22 13.77 2.40
N GLU B 86 0.24 14.29 1.25
CA GLU B 86 0.63 13.46 0.13
C GLU B 86 1.78 12.54 0.52
N LEU B 87 2.76 13.05 1.30
CA LEU B 87 3.89 12.24 1.76
C LEU B 87 3.42 11.13 2.71
N GLY B 88 2.48 11.43 3.60
CA GLY B 88 1.92 10.46 4.53
C GLY B 88 1.18 9.36 3.80
N ARG B 89 0.34 9.74 2.81
CA ARG B 89 -0.34 8.74 1.99
C ARG B 89 0.66 7.91 1.19
N ALA B 90 1.69 8.56 0.63
CA ALA B 90 2.71 7.89 -0.18
C ALA B 90 3.49 6.87 0.63
N VAL B 91 3.84 7.19 1.90
CA VAL B 91 4.53 6.23 2.75
C VAL B 91 3.64 5.00 2.98
N ALA B 92 2.37 5.23 3.28
CA ALA B 92 1.44 4.13 3.49
C ALA B 92 1.16 3.32 2.20
N PHE B 93 1.27 3.94 1.02
CA PHE B 93 1.14 3.23 -0.25
C PHE B 93 2.44 2.54 -0.63
N ASN B 94 3.47 2.53 0.26
CA ASN B 94 4.77 1.90 0.02
C ASN B 94 5.53 2.47 -1.18
N LYS B 95 5.46 3.79 -1.37
CA LYS B 95 6.13 4.44 -2.47
C LYS B 95 7.55 4.88 -2.12
N ARG B 96 8.42 4.91 -3.14
CA ARG B 96 9.77 5.41 -3.02
C ARG B 96 9.64 6.94 -3.05
N ILE B 97 10.21 7.62 -2.05
CA ILE B 97 10.07 9.07 -1.90
C ILE B 97 11.40 9.82 -1.85
N LEU B 98 11.46 10.96 -2.53
CA LEU B 98 12.61 11.85 -2.49
C LEU B 98 12.10 13.25 -2.14
N CYS B 99 12.54 13.78 -1.00
CA CYS B 99 12.19 15.13 -0.57
C CYS B 99 13.35 16.05 -0.86
N LEU B 100 13.07 17.21 -1.42
CA LEU B 100 14.09 18.21 -1.75
C LEU B 100 13.91 19.41 -0.84
N PHE B 101 14.92 19.71 -0.03
CA PHE B 101 14.86 20.79 0.93
C PHE B 101 15.97 21.81 0.69
N ARG B 102 15.65 23.12 0.72
CA ARG B 102 16.65 24.18 0.55
C ARG B 102 16.95 24.81 1.91
N PRO B 103 18.09 24.45 2.53
CA PRO B 103 18.42 25.06 3.83
C PRO B 103 18.78 26.56 3.76
N GLN B 104 19.15 27.09 2.57
CA GLN B 104 19.47 28.53 2.45
C GLN B 104 18.30 29.42 2.84
N SER B 105 17.07 28.90 2.76
CA SER B 105 15.86 29.60 3.17
C SER B 105 15.84 29.93 4.69
N GLY B 106 16.86 29.48 5.45
CA GLY B 106 16.95 29.68 6.89
C GLY B 106 16.03 28.79 7.72
N ARG B 107 15.16 28.04 7.04
CA ARG B 107 14.19 27.15 7.65
C ARG B 107 14.82 25.88 8.24
N VAL B 108 14.13 25.30 9.21
CA VAL B 108 14.48 24.00 9.76
C VAL B 108 13.35 23.08 9.35
N LEU B 109 13.67 22.02 8.61
CA LEU B 109 12.68 21.08 8.13
C LEU B 109 12.03 20.35 9.28
N SER B 110 10.69 20.20 9.24
CA SER B 110 9.90 19.44 10.22
C SER B 110 10.53 18.09 10.61
N ALA B 111 10.55 17.78 11.90
CA ALA B 111 11.08 16.50 12.38
C ALA B 111 10.27 15.31 11.84
N MET B 112 8.99 15.51 11.52
CA MET B 112 8.15 14.44 10.95
C MET B 112 8.66 14.01 9.58
N ILE B 113 9.20 14.97 8.80
CA ILE B 113 9.72 14.68 7.49
C ILE B 113 11.15 14.18 7.56
N ARG B 114 12.01 14.91 8.29
CA ARG B 114 13.42 14.50 8.44
C ARG B 114 13.51 13.13 9.14
N GLY B 115 12.63 12.88 10.09
CA GLY B 115 12.58 11.62 10.81
C GLY B 115 12.01 10.44 10.03
N ALA B 116 11.20 10.71 8.98
CA ALA B 116 10.66 9.63 8.15
C ALA B 116 11.75 9.03 7.22
N ALA B 117 12.89 9.74 7.03
CA ALA B 117 13.97 9.31 6.19
C ALA B 117 14.67 8.07 6.70
N ASP B 118 14.92 7.15 5.79
CA ASP B 118 15.63 5.92 6.09
C ASP B 118 16.88 5.73 5.20
N GLY B 119 17.29 6.75 4.45
CA GLY B 119 18.46 6.66 3.58
C GLY B 119 18.28 5.86 2.31
N SER B 120 17.11 5.23 2.12
CA SER B 120 16.87 4.43 0.92
C SER B 120 15.49 4.73 0.27
N ARG B 121 14.44 4.13 0.83
CA ARG B 121 13.07 4.25 0.35
C ARG B 121 12.46 5.63 0.62
N PHE B 122 12.92 6.32 1.66
CA PHE B 122 12.51 7.68 1.95
C PHE B 122 13.80 8.46 2.16
N GLN B 123 14.09 9.40 1.26
CA GLN B 123 15.30 10.20 1.35
C GLN B 123 14.99 11.68 1.36
N VAL B 124 15.76 12.44 2.13
CA VAL B 124 15.62 13.88 2.20
C VAL B 124 16.96 14.49 1.81
N TRP B 125 16.99 15.25 0.74
CA TRP B 125 18.22 15.87 0.26
C TRP B 125 18.21 17.36 0.37
N ASP B 126 19.23 17.92 1.06
CA ASP B 126 19.45 19.36 1.20
C ASP B 126 20.15 19.82 -0.06
N TYR B 127 19.67 20.91 -0.66
CA TYR B 127 20.24 21.41 -1.90
C TYR B 127 20.18 22.94 -2.03
N GLU B 128 20.97 23.48 -2.98
CA GLU B 128 20.96 24.89 -3.35
C GLU B 128 20.28 24.98 -4.72
N GLU B 129 19.37 25.94 -4.88
CA GLU B 129 18.55 26.12 -6.09
C GLU B 129 19.22 25.73 -7.45
N GLY B 130 20.45 26.21 -7.66
CA GLY B 130 21.19 25.96 -8.91
C GLY B 130 21.56 24.53 -9.23
N GLU B 131 21.71 23.67 -8.21
CA GLU B 131 22.12 22.29 -8.44
C GLU B 131 20.98 21.28 -8.54
N VAL B 132 19.72 21.73 -8.62
CA VAL B 132 18.59 20.81 -8.64
C VAL B 132 18.62 19.83 -9.84
N GLU B 133 19.03 20.27 -11.03
CA GLU B 133 19.11 19.38 -12.19
C GLU B 133 20.18 18.31 -11.99
N ALA B 134 21.31 18.69 -11.41
CA ALA B 134 22.40 17.74 -11.16
C ALA B 134 22.01 16.67 -10.15
N LEU B 135 21.26 17.06 -9.12
CA LEU B 135 20.83 16.12 -8.09
C LEU B 135 19.83 15.15 -8.64
N LEU B 136 18.86 15.64 -9.45
CA LEU B 136 17.86 14.78 -10.06
C LEU B 136 18.53 13.77 -10.98
N ASP B 137 19.57 14.19 -11.73
CA ASP B 137 20.33 13.30 -12.60
C ASP B 137 20.98 12.20 -11.78
N ARG B 138 21.57 12.56 -10.64
CA ARG B 138 22.22 11.59 -9.77
C ARG B 138 21.18 10.57 -9.23
N TYR B 139 20.04 11.06 -8.71
CA TYR B 139 19.02 10.19 -8.15
C TYR B 139 18.49 9.19 -9.16
N PHE B 140 18.13 9.66 -10.35
CA PHE B 140 17.58 8.81 -11.40
C PHE B 140 18.60 8.08 -12.27
N GLU B 141 19.89 8.18 -11.93
CA GLU B 141 21.00 7.47 -12.58
C GLU B 141 21.22 7.83 -14.06
N ALA B 142 21.47 9.11 -14.34
CA ALA B 142 21.73 9.58 -15.69
C ALA B 142 23.20 9.37 -16.03
N ARG C 2 -27.52 -12.53 6.81
CA ARG C 2 -26.73 -13.76 6.79
C ARG C 2 -25.27 -13.48 6.46
N PRO C 3 -24.34 -14.17 7.15
CA PRO C 3 -22.91 -13.98 6.83
C PRO C 3 -22.60 -14.43 5.40
N ALA C 4 -21.66 -13.75 4.73
CA ALA C 4 -21.27 -14.09 3.37
C ALA C 4 -20.01 -14.92 3.41
N LEU C 5 -20.03 -16.08 2.78
CA LEU C 5 -18.86 -16.96 2.72
C LEU C 5 -18.35 -17.07 1.30
N TYR C 6 -17.03 -17.19 1.16
CA TYR C 6 -16.42 -17.26 -0.14
C TYR C 6 -15.60 -18.55 -0.20
N PHE C 7 -15.86 -19.42 -1.19
CA PHE C 7 -15.10 -20.66 -1.33
C PHE C 7 -14.28 -20.60 -2.60
N CYS C 8 -13.05 -21.09 -2.54
CA CYS C 8 -12.23 -21.20 -3.73
C CYS C 8 -11.35 -22.41 -3.64
N GLY C 9 -10.99 -22.92 -4.80
CA GLY C 9 -10.10 -24.06 -4.92
C GLY C 9 -9.46 -24.09 -6.29
N SER C 10 -8.44 -24.94 -6.45
CA SER C 10 -7.75 -25.03 -7.75
C SER C 10 -8.65 -25.67 -8.81
N ILE C 11 -8.34 -25.41 -10.07
CA ILE C 11 -9.08 -26.02 -11.17
C ILE C 11 -8.89 -27.56 -11.14
N ARG C 12 -7.71 -28.07 -10.76
CA ARG C 12 -7.47 -29.52 -10.62
C ARG C 12 -8.23 -30.02 -9.36
N GLY C 13 -9.54 -30.23 -9.50
CA GLY C 13 -10.41 -30.62 -8.40
C GLY C 13 -11.82 -30.09 -8.62
N ASP C 17 -12.48 -35.34 -6.60
CA ASP C 17 -12.09 -33.99 -7.01
C ASP C 17 -13.31 -33.01 -6.92
N ARG C 18 -14.28 -33.14 -7.84
CA ARG C 18 -15.50 -32.32 -7.94
C ARG C 18 -16.42 -32.47 -6.72
N THR C 19 -16.62 -33.72 -6.27
CA THR C 19 -17.44 -34.07 -5.12
C THR C 19 -16.91 -33.43 -3.84
N LEU C 20 -15.57 -33.33 -3.71
CA LEU C 20 -14.99 -32.73 -2.51
C LEU C 20 -15.37 -31.25 -2.40
N TYR C 21 -15.23 -30.50 -3.49
CA TYR C 21 -15.59 -29.08 -3.48
C TYR C 21 -17.09 -28.88 -3.23
N GLU C 22 -17.91 -29.78 -3.76
CA GLU C 22 -19.36 -29.73 -3.57
C GLU C 22 -19.75 -30.05 -2.12
N ARG C 23 -19.02 -30.94 -1.46
CA ARG C 23 -19.29 -31.28 -0.08
C ARG C 23 -18.97 -30.07 0.80
N ILE C 24 -17.81 -29.41 0.54
CA ILE C 24 -17.37 -28.21 1.26
C ILE C 24 -18.41 -27.11 1.10
N VAL C 25 -18.82 -26.84 -0.14
CA VAL C 25 -19.80 -25.79 -0.40
C VAL C 25 -21.13 -26.11 0.29
N SER C 26 -21.64 -27.36 0.17
CA SER C 26 -22.90 -27.75 0.82
C SER C 26 -22.88 -27.51 2.31
N ARG C 27 -21.76 -27.86 2.97
CA ARG C 27 -21.59 -27.66 4.40
C ARG C 27 -21.55 -26.17 4.72
N LEU C 28 -20.86 -25.36 3.88
CA LEU C 28 -20.73 -23.91 4.10
C LEU C 28 -22.07 -23.18 4.04
N ARG C 29 -23.03 -23.70 3.26
CA ARG C 29 -24.39 -23.17 3.15
C ARG C 29 -25.16 -23.16 4.49
N ARG C 30 -24.76 -24.03 5.43
CA ARG C 30 -25.38 -24.05 6.75
C ARG C 30 -25.04 -22.80 7.56
N PHE C 31 -23.90 -22.13 7.26
CA PHE C 31 -23.46 -20.96 8.02
C PHE C 31 -23.77 -19.61 7.38
N GLY C 32 -24.14 -19.60 6.11
CA GLY C 32 -24.47 -18.36 5.43
C GLY C 32 -24.54 -18.54 3.94
N THR C 33 -24.53 -17.43 3.21
CA THR C 33 -24.59 -17.44 1.76
C THR C 33 -23.21 -17.75 1.17
N VAL C 34 -23.09 -18.73 0.26
CA VAL C 34 -21.81 -19.02 -0.37
C VAL C 34 -21.78 -18.31 -1.70
N LEU C 35 -21.11 -17.15 -1.76
CA LEU C 35 -21.02 -16.29 -2.95
C LEU C 35 -20.54 -16.99 -4.19
N THR C 36 -19.62 -17.94 -4.03
CA THR C 36 -19.02 -18.62 -5.16
C THR C 36 -19.59 -20.00 -5.43
N GLU C 37 -20.81 -20.31 -4.90
CA GLU C 37 -21.36 -21.65 -5.09
C GLU C 37 -21.71 -21.97 -6.54
N HIS C 38 -22.03 -20.96 -7.36
CA HIS C 38 -22.36 -21.21 -8.76
C HIS C 38 -21.20 -21.00 -9.72
N VAL C 39 -19.96 -21.06 -9.23
CA VAL C 39 -18.80 -20.89 -10.10
C VAL C 39 -18.49 -22.22 -10.78
N ALA C 40 -18.48 -22.23 -12.12
CA ALA C 40 -18.13 -23.44 -12.85
C ALA C 40 -16.83 -23.19 -13.59
N ALA C 41 -15.77 -23.97 -13.26
CA ALA C 41 -14.44 -23.89 -13.86
C ALA C 41 -14.44 -23.60 -15.39
N ALA C 42 -15.28 -24.36 -16.16
CA ALA C 42 -15.49 -24.30 -17.62
C ALA C 42 -14.96 -23.04 -18.31
N GLY C 54 -13.27 -10.21 -20.81
CA GLY C 54 -13.30 -11.66 -20.68
C GLY C 54 -12.78 -12.08 -19.33
N ASP C 55 -11.44 -12.23 -19.23
CA ASP C 55 -10.78 -12.54 -17.97
C ASP C 55 -10.91 -11.37 -17.00
N ARG C 56 -10.95 -10.13 -17.51
CA ARG C 56 -11.11 -8.93 -16.70
C ARG C 56 -12.44 -8.94 -15.96
N LEU C 57 -13.51 -9.40 -16.63
CA LEU C 57 -14.82 -9.49 -15.98
C LEU C 57 -14.81 -10.50 -14.85
N ILE C 58 -14.13 -11.63 -15.06
CA ILE C 58 -14.00 -12.67 -14.04
C ILE C 58 -13.22 -12.13 -12.84
N HIS C 59 -12.08 -11.47 -13.11
CA HIS C 59 -11.24 -10.87 -12.08
C HIS C 59 -12.00 -9.84 -11.27
N GLU C 60 -12.76 -8.96 -11.93
CA GLU C 60 -13.54 -7.95 -11.22
C GLU C 60 -14.64 -8.56 -10.36
N GLN C 61 -15.33 -9.62 -10.85
CA GLN C 61 -16.38 -10.26 -10.05
C GLN C 61 -15.75 -10.93 -8.81
N ASP C 62 -14.61 -11.58 -9.01
CA ASP C 62 -13.87 -12.23 -7.94
C ASP C 62 -13.47 -11.22 -6.86
N LEU C 63 -12.95 -10.05 -7.25
CA LEU C 63 -12.55 -9.04 -6.28
C LEU C 63 -13.78 -8.51 -5.52
N GLU C 64 -14.90 -8.28 -6.26
CA GLU C 64 -16.16 -7.83 -5.68
C GLU C 64 -16.67 -8.83 -4.64
N TRP C 65 -16.49 -10.13 -4.89
CA TRP C 65 -16.93 -11.16 -3.95
C TRP C 65 -16.01 -11.24 -2.75
N LEU C 66 -14.70 -11.19 -2.97
CA LEU C 66 -13.68 -11.21 -1.92
C LEU C 66 -13.92 -10.06 -0.95
N GLN C 67 -14.29 -8.88 -1.47
CA GLN C 67 -14.59 -7.71 -0.67
C GLN C 67 -15.90 -7.85 0.10
N GLN C 68 -16.85 -8.63 -0.42
CA GLN C 68 -18.13 -8.84 0.25
C GLN C 68 -18.09 -9.90 1.34
N ALA C 69 -17.07 -10.79 1.33
CA ALA C 69 -16.93 -11.93 2.22
C ALA C 69 -16.62 -11.66 3.68
N ASP C 70 -17.32 -12.38 4.55
CA ASP C 70 -17.05 -12.36 5.98
C ASP C 70 -15.92 -13.37 6.32
N VAL C 71 -15.91 -14.51 5.63
CA VAL C 71 -14.86 -15.49 5.79
C VAL C 71 -14.53 -16.09 4.42
N VAL C 72 -13.24 -16.36 4.16
CA VAL C 72 -12.72 -16.94 2.93
C VAL C 72 -12.20 -18.35 3.23
N VAL C 73 -12.74 -19.35 2.55
CA VAL C 73 -12.36 -20.75 2.71
C VAL C 73 -11.68 -21.20 1.41
N ALA C 74 -10.41 -21.56 1.48
CA ALA C 74 -9.65 -21.96 0.30
C ALA C 74 -9.10 -23.35 0.42
N GLU C 75 -9.30 -24.18 -0.62
CA GLU C 75 -8.77 -25.53 -0.63
C GLU C 75 -7.39 -25.36 -1.28
N VAL C 76 -6.32 -25.52 -0.48
CA VAL C 76 -4.96 -25.26 -0.92
C VAL C 76 -4.12 -26.49 -1.18
N THR C 77 -4.77 -27.66 -1.42
CA THR C 77 -4.05 -28.90 -1.67
C THR C 77 -3.24 -28.88 -2.95
N GLN C 78 -3.78 -28.31 -4.02
CA GLN C 78 -3.06 -28.30 -5.31
C GLN C 78 -2.55 -26.90 -5.65
N PRO C 79 -1.32 -26.74 -6.19
CA PRO C 79 -0.81 -25.40 -6.50
C PRO C 79 -1.71 -24.64 -7.46
N SER C 80 -1.93 -23.36 -7.18
CA SER C 80 -2.80 -22.53 -7.98
C SER C 80 -2.45 -21.06 -7.90
N LEU C 81 -2.22 -20.41 -9.06
CA LEU C 81 -1.97 -18.98 -9.09
C LEU C 81 -3.22 -18.23 -8.64
N GLY C 82 -4.39 -18.71 -9.07
CA GLY C 82 -5.66 -18.08 -8.76
C GLY C 82 -5.97 -18.12 -7.29
N VAL C 83 -5.82 -19.28 -6.67
CA VAL C 83 -6.10 -19.42 -5.24
C VAL C 83 -5.14 -18.56 -4.42
N GLY C 84 -3.86 -18.56 -4.79
CA GLY C 84 -2.86 -17.75 -4.10
C GLY C 84 -3.19 -16.28 -4.22
N TYR C 85 -3.56 -15.83 -5.43
CA TYR C 85 -3.92 -14.45 -5.71
C TYR C 85 -5.10 -14.04 -4.87
N GLU C 86 -6.14 -14.90 -4.82
CA GLU C 86 -7.33 -14.61 -4.03
C GLU C 86 -6.99 -14.49 -2.55
N LEU C 87 -6.10 -15.37 -2.05
CA LEU C 87 -5.65 -15.33 -0.67
C LEU C 87 -4.85 -14.05 -0.36
N GLY C 88 -4.00 -13.61 -1.29
CA GLY C 88 -3.23 -12.39 -1.13
C GLY C 88 -4.13 -11.17 -1.05
N ARG C 89 -5.12 -11.10 -1.95
CA ARG C 89 -6.06 -9.99 -1.92
C ARG C 89 -6.90 -10.03 -0.63
N ALA C 90 -7.31 -11.23 -0.22
CA ALA C 90 -8.11 -11.42 0.98
C ALA C 90 -7.38 -11.00 2.24
N VAL C 91 -6.07 -11.29 2.35
CA VAL C 91 -5.28 -10.87 3.51
C VAL C 91 -5.23 -9.36 3.56
N ALA C 92 -4.97 -8.72 2.42
CA ALA C 92 -4.92 -7.26 2.38
C ALA C 92 -6.28 -6.61 2.66
N PHE C 93 -7.38 -7.29 2.30
CA PHE C 93 -8.72 -6.79 2.63
C PHE C 93 -9.11 -7.07 4.12
N ASN C 94 -8.20 -7.69 4.90
CA ASN C 94 -8.38 -8.01 6.31
C ASN C 94 -9.49 -9.01 6.53
N LYS C 95 -9.56 -10.02 5.66
CA LYS C 95 -10.60 -11.03 5.77
C LYS C 95 -10.16 -12.20 6.61
N ARG C 96 -11.14 -12.83 7.28
CA ARG C 96 -10.86 -14.02 8.07
C ARG C 96 -10.71 -15.15 7.05
N ILE C 97 -9.58 -15.84 7.07
CA ILE C 97 -9.27 -16.88 6.10
C ILE C 97 -9.09 -18.23 6.79
N LEU C 98 -9.55 -19.31 6.12
CA LEU C 98 -9.34 -20.69 6.52
C LEU C 98 -8.87 -21.47 5.29
N CYS C 99 -7.66 -22.01 5.34
CA CYS C 99 -7.10 -22.81 4.26
C CYS C 99 -7.20 -24.28 4.65
N LEU C 100 -7.62 -25.12 3.72
CA LEU C 100 -7.78 -26.56 3.94
C LEU C 100 -6.76 -27.30 3.09
N PHE C 101 -5.86 -28.02 3.73
CA PHE C 101 -4.82 -28.76 3.03
C PHE C 101 -4.85 -30.28 3.30
N ARG C 102 -4.71 -31.10 2.27
CA ARG C 102 -4.67 -32.56 2.43
C ARG C 102 -3.24 -33.06 2.29
N PRO C 103 -2.56 -33.37 3.41
CA PRO C 103 -1.17 -33.87 3.31
C PRO C 103 -1.04 -35.27 2.72
N GLN C 104 -2.12 -36.09 2.74
CA GLN C 104 -2.06 -37.43 2.13
C GLN C 104 -1.70 -37.41 0.65
N SER C 105 -1.94 -36.28 -0.02
CA SER C 105 -1.57 -36.09 -1.43
C SER C 105 -0.03 -36.13 -1.67
N GLY C 106 0.76 -36.24 -0.60
CA GLY C 106 2.23 -36.24 -0.66
C GLY C 106 2.84 -34.88 -0.93
N ARG C 107 2.00 -33.87 -1.17
CA ARG C 107 2.40 -32.52 -1.47
C ARG C 107 2.94 -31.76 -0.27
N VAL C 108 3.71 -30.73 -0.55
CA VAL C 108 4.24 -29.82 0.46
C VAL C 108 3.54 -28.50 0.23
N LEU C 109 2.83 -28.00 1.26
CA LEU C 109 2.12 -26.72 1.12
C LEU C 109 3.16 -25.60 1.10
N SER C 110 3.01 -24.68 0.16
CA SER C 110 3.84 -23.48 0.01
C SER C 110 4.10 -22.77 1.34
N ALA C 111 5.36 -22.39 1.60
CA ALA C 111 5.71 -21.65 2.81
C ALA C 111 5.03 -20.26 2.85
N MET C 112 4.65 -19.69 1.70
CA MET C 112 3.92 -18.42 1.64
C MET C 112 2.57 -18.57 2.29
N ILE C 113 1.92 -19.72 2.15
CA ILE C 113 0.62 -19.96 2.72
C ILE C 113 0.73 -20.43 4.16
N ARG C 114 1.57 -21.41 4.43
CA ARG C 114 1.79 -21.91 5.78
C ARG C 114 2.32 -20.78 6.71
N GLY C 115 3.20 -19.94 6.17
CA GLY C 115 3.77 -18.81 6.89
C GLY C 115 2.84 -17.63 7.09
N ALA C 116 1.79 -17.51 6.27
CA ALA C 116 0.80 -16.42 6.46
C ALA C 116 -0.12 -16.68 7.67
N ALA C 117 -0.15 -17.93 8.17
CA ALA C 117 -0.98 -18.32 9.30
C ALA C 117 -0.59 -17.63 10.59
N ASP C 118 -1.58 -17.14 11.30
CA ASP C 118 -1.39 -16.52 12.60
C ASP C 118 -2.22 -17.20 13.72
N GLY C 119 -2.79 -18.38 13.43
CA GLY C 119 -3.60 -19.15 14.37
C GLY C 119 -4.99 -18.61 14.63
N SER C 120 -5.28 -17.38 14.16
CA SER C 120 -6.57 -16.77 14.42
C SER C 120 -7.28 -16.28 13.13
N ARG C 121 -6.92 -15.08 12.60
CA ARG C 121 -7.52 -14.53 11.39
C ARG C 121 -7.10 -15.27 10.12
N PHE C 122 -5.96 -15.96 10.13
CA PHE C 122 -5.51 -16.75 8.99
C PHE C 122 -5.08 -18.08 9.58
N GLN C 123 -5.83 -19.13 9.25
CA GLN C 123 -5.54 -20.47 9.74
C GLN C 123 -5.40 -21.45 8.60
N VAL C 124 -4.49 -22.42 8.78
CA VAL C 124 -4.26 -23.48 7.80
C VAL C 124 -4.47 -24.80 8.49
N TRP C 125 -5.45 -25.59 8.05
CA TRP C 125 -5.74 -26.86 8.68
C TRP C 125 -5.48 -28.04 7.78
N ASP C 126 -4.62 -28.96 8.25
CA ASP C 126 -4.36 -30.20 7.55
C ASP C 126 -5.54 -31.15 7.83
N TYR C 127 -5.98 -31.91 6.80
CA TYR C 127 -7.13 -32.80 6.96
C TYR C 127 -7.11 -33.99 6.00
N GLU C 128 -7.96 -34.98 6.30
CA GLU C 128 -8.20 -36.16 5.47
C GLU C 128 -9.60 -35.98 4.88
N GLU C 129 -9.75 -36.22 3.57
CA GLU C 129 -11.00 -36.03 2.81
C GLU C 129 -12.31 -36.28 3.60
N GLY C 130 -12.39 -37.42 4.29
CA GLY C 130 -13.59 -37.81 5.04
C GLY C 130 -14.01 -36.93 6.21
N GLU C 131 -13.07 -36.20 6.83
CA GLU C 131 -13.40 -35.38 8.00
C GLU C 131 -13.68 -33.92 7.70
N VAL C 132 -13.82 -33.54 6.42
CA VAL C 132 -14.01 -32.12 6.06
C VAL C 132 -15.29 -31.51 6.69
N GLU C 133 -16.39 -32.27 6.77
CA GLU C 133 -17.63 -31.74 7.37
C GLU C 133 -17.43 -31.49 8.87
N ALA C 134 -16.73 -32.40 9.55
CA ALA C 134 -16.50 -32.28 10.98
C ALA C 134 -15.64 -31.09 11.32
N LEU C 135 -14.63 -30.81 10.48
CA LEU C 135 -13.74 -29.68 10.68
C LEU C 135 -14.45 -28.38 10.49
N LEU C 136 -15.28 -28.29 9.45
CA LEU C 136 -16.04 -27.08 9.17
C LEU C 136 -17.00 -26.78 10.33
N ASP C 137 -17.62 -27.83 10.90
CA ASP C 137 -18.51 -27.68 12.05
C ASP C 137 -17.74 -27.11 13.24
N ARG C 138 -16.55 -27.62 13.48
CA ARG C 138 -15.71 -27.15 14.57
C ARG C 138 -15.33 -25.67 14.37
N TYR C 139 -14.87 -25.31 13.15
CA TYR C 139 -14.46 -23.93 12.84
C TYR C 139 -15.57 -22.93 13.08
N PHE C 140 -16.78 -23.21 12.56
CA PHE C 140 -17.89 -22.28 12.69
C PHE C 140 -18.63 -22.34 14.03
N GLU C 141 -18.19 -23.19 14.97
CA GLU C 141 -18.80 -23.22 16.29
C GLU C 141 -17.96 -22.34 17.23
N ALA C 142 -16.61 -22.56 17.24
CA ALA C 142 -15.65 -21.82 18.05
C ALA C 142 -15.59 -20.34 17.71
N MET D 1 20.14 6.35 -7.24
CA MET D 1 19.29 5.43 -6.50
C MET D 1 18.78 4.36 -7.48
N ARG D 2 19.32 3.15 -7.36
CA ARG D 2 18.94 2.05 -8.25
C ARG D 2 17.55 1.52 -7.94
N PRO D 3 16.74 1.26 -8.98
CA PRO D 3 15.41 0.67 -8.75
C PRO D 3 15.51 -0.71 -8.13
N ALA D 4 14.61 -1.01 -7.20
CA ALA D 4 14.58 -2.29 -6.50
C ALA D 4 13.65 -3.27 -7.28
N LEU D 5 14.19 -4.41 -7.73
CA LEU D 5 13.43 -5.39 -8.51
C LEU D 5 13.19 -6.65 -7.72
N TYR D 6 11.96 -7.14 -7.77
CA TYR D 6 11.61 -8.37 -7.07
C TYR D 6 11.33 -9.44 -8.14
N PHE D 7 11.99 -10.60 -8.06
CA PHE D 7 11.72 -11.72 -8.99
C PHE D 7 11.14 -12.91 -8.22
N CYS D 8 10.14 -13.56 -8.80
CA CYS D 8 9.60 -14.79 -8.23
C CYS D 8 9.13 -15.73 -9.36
N GLY D 9 9.14 -17.02 -9.05
CA GLY D 9 8.70 -18.06 -9.96
C GLY D 9 8.30 -19.30 -9.18
N SER D 10 7.64 -20.27 -9.86
CA SER D 10 7.23 -21.49 -9.18
C SER D 10 8.43 -22.38 -8.82
N ILE D 11 8.22 -23.26 -7.84
CA ILE D 11 9.28 -24.21 -7.48
C ILE D 11 9.50 -25.22 -8.66
N ARG D 12 8.41 -25.60 -9.35
CA ARG D 12 8.48 -26.49 -10.51
C ARG D 12 9.25 -25.82 -11.64
N GLY D 13 8.95 -24.57 -11.92
CA GLY D 13 9.64 -23.81 -12.95
C GLY D 13 11.12 -23.62 -12.63
N GLY D 14 11.46 -23.56 -11.35
CA GLY D 14 12.83 -23.42 -10.90
C GLY D 14 13.60 -24.69 -11.12
N ARG D 15 12.96 -25.84 -10.84
CA ARG D 15 13.56 -27.16 -11.03
C ARG D 15 13.83 -27.47 -12.52
N GLU D 16 12.78 -27.54 -13.35
CA GLU D 16 12.98 -27.86 -14.75
C GLU D 16 13.61 -26.71 -15.57
N ASP D 17 13.29 -25.43 -15.26
CA ASP D 17 13.85 -24.31 -16.04
C ASP D 17 14.81 -23.39 -15.23
N ARG D 18 15.76 -23.98 -14.44
CA ARG D 18 16.77 -23.26 -13.63
C ARG D 18 17.50 -22.19 -14.40
N THR D 19 18.00 -22.52 -15.59
CA THR D 19 18.74 -21.57 -16.42
C THR D 19 17.88 -20.43 -16.89
N LEU D 20 16.57 -20.66 -17.11
CA LEU D 20 15.66 -19.59 -17.55
C LEU D 20 15.47 -18.56 -16.43
N TYR D 21 15.32 -19.04 -15.20
CA TYR D 21 15.18 -18.19 -14.05
C TYR D 21 16.45 -17.35 -13.84
N GLU D 22 17.61 -17.98 -14.01
CA GLU D 22 18.90 -17.31 -13.89
C GLU D 22 19.16 -16.31 -15.01
N ARG D 23 18.66 -16.60 -16.21
CA ARG D 23 18.80 -15.66 -17.32
C ARG D 23 17.95 -14.42 -17.04
N ILE D 24 16.75 -14.61 -16.44
CA ILE D 24 15.85 -13.50 -16.10
C ILE D 24 16.48 -12.65 -15.01
N VAL D 25 16.96 -13.27 -13.93
CA VAL D 25 17.62 -12.56 -12.85
C VAL D 25 18.84 -11.76 -13.36
N SER D 26 19.68 -12.40 -14.20
CA SER D 26 20.88 -11.74 -14.71
C SER D 26 20.54 -10.54 -15.55
N ARG D 27 19.51 -10.65 -16.39
CA ARG D 27 19.10 -9.51 -17.19
C ARG D 27 18.54 -8.41 -16.32
N LEU D 28 17.74 -8.78 -15.29
CA LEU D 28 17.17 -7.79 -14.35
C LEU D 28 18.27 -7.02 -13.61
N ARG D 29 19.42 -7.67 -13.30
CA ARG D 29 20.53 -7.02 -12.63
C ARG D 29 21.09 -5.79 -13.38
N ARG D 30 20.90 -5.74 -14.70
CA ARG D 30 21.32 -4.60 -15.50
C ARG D 30 20.44 -3.36 -15.25
N PHE D 31 19.19 -3.57 -14.83
CA PHE D 31 18.24 -2.48 -14.62
C PHE D 31 18.02 -2.07 -13.17
N GLY D 32 18.52 -2.85 -12.21
CA GLY D 32 18.36 -2.53 -10.80
C GLY D 32 18.84 -3.61 -9.88
N THR D 33 18.57 -3.47 -8.58
CA THR D 33 18.96 -4.47 -7.60
C THR D 33 17.89 -5.57 -7.58
N VAL D 34 18.28 -6.84 -7.68
CA VAL D 34 17.29 -7.95 -7.62
C VAL D 34 17.26 -8.47 -6.21
N LEU D 35 16.29 -8.04 -5.40
CA LEU D 35 16.16 -8.43 -3.99
C LEU D 35 16.12 -9.92 -3.74
N THR D 36 15.54 -10.68 -4.66
CA THR D 36 15.39 -12.12 -4.49
C THR D 36 16.42 -12.93 -5.25
N GLU D 37 17.56 -12.35 -5.63
CA GLU D 37 18.55 -13.06 -6.43
C GLU D 37 19.22 -14.19 -5.70
N HIS D 38 19.36 -14.13 -4.36
CA HIS D 38 19.99 -15.27 -3.66
C HIS D 38 19.01 -16.22 -3.03
N VAL D 39 17.76 -16.23 -3.50
CA VAL D 39 16.76 -17.16 -2.97
C VAL D 39 16.96 -18.54 -3.61
N ALA D 40 17.15 -19.56 -2.76
CA ALA D 40 17.30 -20.93 -3.25
C ALA D 40 16.08 -21.75 -2.80
N ALA D 41 15.48 -22.53 -3.73
CA ALA D 41 14.28 -23.41 -3.52
C ALA D 41 14.50 -24.65 -2.62
N ALA D 42 15.24 -24.46 -1.53
CA ALA D 42 15.54 -25.46 -0.50
C ALA D 42 14.85 -24.97 0.80
N GLU D 43 13.57 -24.55 0.72
CA GLU D 43 12.86 -24.02 1.90
C GLU D 43 11.79 -24.95 2.46
N GLY D 54 9.79 -20.57 11.51
CA GLY D 54 10.23 -21.21 10.27
C GLY D 54 9.57 -20.63 9.02
N ASP D 55 8.36 -21.14 8.67
CA ASP D 55 7.62 -20.63 7.51
C ASP D 55 7.22 -19.16 7.72
N ARG D 56 6.94 -18.77 8.98
CA ARG D 56 6.59 -17.40 9.31
C ARG D 56 7.76 -16.44 9.00
N LEU D 57 8.99 -16.86 9.26
CA LEU D 57 10.16 -16.06 8.95
C LEU D 57 10.30 -15.86 7.45
N ILE D 58 10.05 -16.91 6.67
CA ILE D 58 10.11 -16.84 5.21
C ILE D 58 9.03 -15.88 4.69
N HIS D 59 7.80 -16.02 5.21
CA HIS D 59 6.67 -15.18 4.83
C HIS D 59 6.95 -13.71 5.14
N GLU D 60 7.47 -13.42 6.33
CA GLU D 60 7.80 -12.05 6.71
C GLU D 60 8.93 -11.46 5.87
N GLN D 61 9.95 -12.25 5.51
CA GLN D 61 11.03 -11.76 4.65
C GLN D 61 10.50 -11.43 3.27
N ASP D 62 9.64 -12.33 2.74
CA ASP D 62 9.00 -12.17 1.44
C ASP D 62 8.21 -10.86 1.39
N LEU D 63 7.41 -10.62 2.42
CA LEU D 63 6.61 -9.42 2.51
C LEU D 63 7.45 -8.18 2.59
N GLU D 64 8.56 -8.23 3.32
CA GLU D 64 9.48 -7.09 3.43
C GLU D 64 10.08 -6.75 2.06
N TRP D 65 10.47 -7.78 1.27
CA TRP D 65 10.99 -7.53 -0.08
C TRP D 65 9.93 -7.00 -1.06
N LEU D 66 8.68 -7.45 -0.93
CA LEU D 66 7.58 -7.00 -1.75
C LEU D 66 7.35 -5.52 -1.51
N GLN D 67 7.27 -5.10 -0.24
CA GLN D 67 7.11 -3.69 0.12
C GLN D 67 8.25 -2.81 -0.34
N GLN D 68 9.47 -3.32 -0.37
CA GLN D 68 10.65 -2.58 -0.81
C GLN D 68 10.76 -2.46 -2.33
N ALA D 69 10.07 -3.32 -3.09
CA ALA D 69 10.22 -3.33 -4.54
C ALA D 69 9.61 -2.15 -5.26
N ASP D 70 10.19 -1.79 -6.37
CA ASP D 70 9.64 -0.81 -7.28
C ASP D 70 8.86 -1.60 -8.35
N VAL D 71 9.41 -2.73 -8.84
CA VAL D 71 8.75 -3.58 -9.83
C VAL D 71 8.80 -5.02 -9.37
N VAL D 72 7.71 -5.75 -9.64
CA VAL D 72 7.63 -7.16 -9.35
C VAL D 72 7.58 -7.93 -10.67
N VAL D 73 8.51 -8.85 -10.89
CA VAL D 73 8.59 -9.68 -12.09
C VAL D 73 8.31 -11.13 -11.68
N ALA D 74 7.20 -11.68 -12.18
CA ALA D 74 6.80 -13.05 -11.82
C ALA D 74 6.73 -13.94 -13.02
N GLU D 75 7.34 -15.11 -12.94
CA GLU D 75 7.27 -16.10 -14.03
C GLU D 75 6.02 -16.95 -13.71
N VAL D 76 4.95 -16.77 -14.49
CA VAL D 76 3.67 -17.39 -14.19
C VAL D 76 3.30 -18.59 -15.09
N THR D 77 4.26 -19.28 -15.71
CA THR D 77 3.97 -20.42 -16.58
C THR D 77 3.37 -21.60 -15.80
N GLN D 78 4.00 -21.98 -14.68
CA GLN D 78 3.49 -23.07 -13.84
C GLN D 78 2.63 -22.54 -12.70
N PRO D 79 1.53 -23.25 -12.34
CA PRO D 79 0.69 -22.78 -11.24
C PRO D 79 1.44 -22.82 -9.90
N SER D 80 1.11 -21.90 -9.00
CA SER D 80 1.82 -21.75 -7.75
C SER D 80 1.01 -20.92 -6.77
N LEU D 81 0.75 -21.46 -5.57
CA LEU D 81 0.06 -20.68 -4.55
C LEU D 81 0.97 -19.52 -4.09
N GLY D 82 2.27 -19.77 -3.99
CA GLY D 82 3.21 -18.75 -3.55
C GLY D 82 3.31 -17.58 -4.51
N VAL D 83 3.42 -17.86 -5.81
CA VAL D 83 3.52 -16.80 -6.81
C VAL D 83 2.23 -15.99 -6.84
N GLY D 84 1.09 -16.68 -6.77
CA GLY D 84 -0.21 -16.01 -6.75
C GLY D 84 -0.35 -15.13 -5.53
N TYR D 85 0.02 -15.65 -4.38
CA TYR D 85 -0.06 -14.92 -3.12
C TYR D 85 0.83 -13.68 -3.17
N GLU D 86 2.07 -13.83 -3.67
CA GLU D 86 2.98 -12.69 -3.80
C GLU D 86 2.37 -11.63 -4.73
N LEU D 87 1.74 -12.06 -5.84
CA LEU D 87 1.11 -11.14 -6.79
C LEU D 87 -0.09 -10.41 -6.16
N GLY D 88 -0.88 -11.12 -5.37
CA GLY D 88 -2.02 -10.51 -4.69
C GLY D 88 -1.57 -9.49 -3.67
N ARG D 89 -0.52 -9.80 -2.88
CA ARG D 89 0.01 -8.84 -1.92
C ARG D 89 0.64 -7.68 -2.65
N ALA D 90 1.33 -7.93 -3.78
CA ALA D 90 1.97 -6.88 -4.56
C ALA D 90 0.95 -5.90 -5.12
N VAL D 91 -0.21 -6.39 -5.60
CA VAL D 91 -1.26 -5.49 -6.10
C VAL D 91 -1.75 -4.60 -4.96
N ALA D 92 -2.02 -5.20 -3.81
CA ALA D 92 -2.49 -4.44 -2.66
C ALA D 92 -1.40 -3.47 -2.11
N PHE D 93 -0.10 -3.78 -2.29
CA PHE D 93 0.98 -2.87 -1.90
C PHE D 93 1.19 -1.79 -2.97
N ASN D 94 0.33 -1.72 -4.03
CA ASN D 94 0.38 -0.75 -5.13
C ASN D 94 1.67 -0.85 -5.95
N LYS D 95 2.15 -2.09 -6.18
CA LYS D 95 3.36 -2.29 -6.96
C LYS D 95 3.10 -2.42 -8.48
N ARG D 96 4.10 -2.05 -9.27
CA ARG D 96 4.07 -2.22 -10.71
C ARG D 96 4.49 -3.68 -10.95
N ILE D 97 3.68 -4.43 -11.70
CA ILE D 97 3.90 -5.86 -11.90
C ILE D 97 4.03 -6.24 -13.37
N LEU D 98 4.99 -7.14 -13.66
CA LEU D 98 5.16 -7.74 -14.97
C LEU D 98 5.16 -9.27 -14.81
N CYS D 99 4.18 -9.92 -15.42
CA CYS D 99 4.09 -11.39 -15.41
C CYS D 99 4.59 -11.92 -16.74
N LEU D 100 5.40 -12.97 -16.70
CA LEU D 100 5.96 -13.58 -17.89
C LEU D 100 5.38 -14.96 -18.05
N PHE D 101 4.65 -15.19 -19.14
CA PHE D 101 3.99 -16.48 -19.40
C PHE D 101 4.46 -17.14 -20.69
N ARG D 102 4.77 -18.42 -20.67
CA ARG D 102 5.18 -19.16 -21.86
C ARG D 102 4.03 -20.03 -22.34
N PRO D 103 3.31 -19.61 -23.40
CA PRO D 103 2.20 -20.45 -23.89
C PRO D 103 2.63 -21.77 -24.56
N GLN D 104 3.89 -21.88 -25.02
CA GLN D 104 4.37 -23.14 -25.61
C GLN D 104 4.30 -24.33 -24.63
N SER D 105 4.23 -24.05 -23.33
CA SER D 105 4.08 -25.09 -22.31
C SER D 105 2.70 -25.81 -22.41
N GLY D 106 1.82 -25.37 -23.33
CA GLY D 106 0.47 -25.92 -23.50
C GLY D 106 -0.50 -25.53 -22.39
N ARG D 107 -0.03 -24.80 -21.40
CA ARG D 107 -0.81 -24.38 -20.27
C ARG D 107 -1.75 -23.22 -20.58
N VAL D 108 -2.76 -23.07 -19.75
CA VAL D 108 -3.71 -21.97 -19.84
C VAL D 108 -3.46 -21.14 -18.59
N LEU D 109 -3.12 -19.86 -18.77
CA LEU D 109 -2.88 -18.99 -17.62
C LEU D 109 -4.18 -18.70 -16.90
N SER D 110 -4.17 -18.81 -15.56
CA SER D 110 -5.29 -18.50 -14.67
C SER D 110 -5.97 -17.18 -15.03
N ALA D 111 -7.31 -17.16 -15.04
CA ALA D 111 -8.06 -15.94 -15.32
C ALA D 111 -7.82 -14.87 -14.25
N MET D 112 -7.46 -15.27 -13.02
CA MET D 112 -7.17 -14.32 -11.95
C MET D 112 -5.95 -13.49 -12.29
N ILE D 113 -4.97 -14.07 -12.98
CA ILE D 113 -3.76 -13.38 -13.36
C ILE D 113 -3.95 -12.62 -14.67
N ARG D 114 -4.51 -13.29 -15.69
CA ARG D 114 -4.77 -12.64 -16.98
C ARG D 114 -5.77 -11.48 -16.82
N GLY D 115 -6.74 -11.64 -15.93
CA GLY D 115 -7.75 -10.64 -15.65
C GLY D 115 -7.26 -9.49 -14.79
N ALA D 116 -6.20 -9.69 -14.00
CA ALA D 116 -5.63 -8.59 -13.20
C ALA D 116 -4.87 -7.56 -14.08
N ALA D 117 -4.56 -7.93 -15.33
CA ALA D 117 -3.86 -7.07 -16.26
C ALA D 117 -4.66 -5.88 -16.68
N ASP D 118 -4.02 -4.71 -16.62
CA ASP D 118 -4.64 -3.46 -17.03
C ASP D 118 -3.86 -2.73 -18.13
N GLY D 119 -2.89 -3.38 -18.76
CA GLY D 119 -2.08 -2.78 -19.81
C GLY D 119 -1.03 -1.77 -19.35
N SER D 120 -0.98 -1.48 -18.04
CA SER D 120 -0.04 -0.50 -17.55
C SER D 120 0.68 -0.98 -16.27
N ARG D 121 0.02 -0.82 -15.13
CA ARG D 121 0.52 -1.14 -13.81
C ARG D 121 0.62 -2.65 -13.56
N PHE D 122 -0.24 -3.44 -14.22
CA PHE D 122 -0.18 -4.90 -14.15
C PHE D 122 -0.20 -5.38 -15.61
N GLN D 123 0.89 -5.96 -16.06
CA GLN D 123 1.00 -6.45 -17.42
C GLN D 123 1.37 -7.92 -17.44
N VAL D 124 0.80 -8.64 -18.42
CA VAL D 124 1.08 -10.05 -18.60
C VAL D 124 1.59 -10.22 -20.03
N TRP D 125 2.83 -10.68 -20.17
CA TRP D 125 3.42 -10.87 -21.48
C TRP D 125 3.67 -12.31 -21.82
N ASP D 126 3.08 -12.76 -22.94
CA ASP D 126 3.31 -14.10 -23.46
C ASP D 126 4.66 -14.06 -24.18
N TYR D 127 5.48 -15.11 -24.02
CA TYR D 127 6.81 -15.14 -24.63
C TYR D 127 7.31 -16.56 -24.91
N GLU D 128 8.38 -16.65 -25.74
CA GLU D 128 9.11 -17.88 -26.03
C GLU D 128 10.45 -17.77 -25.34
N GLU D 129 10.88 -18.83 -24.66
CA GLU D 129 12.11 -18.88 -23.87
C GLU D 129 13.31 -18.01 -24.39
N GLY D 130 13.62 -18.12 -25.68
CA GLY D 130 14.75 -17.41 -26.29
C GLY D 130 14.68 -15.90 -26.33
N GLU D 131 13.47 -15.31 -26.32
CA GLU D 131 13.34 -13.86 -26.40
C GLU D 131 13.21 -13.13 -25.05
N VAL D 132 13.42 -13.84 -23.93
CA VAL D 132 13.22 -13.24 -22.62
C VAL D 132 14.12 -12.02 -22.37
N GLU D 133 15.39 -12.04 -22.81
CA GLU D 133 16.29 -10.90 -22.63
C GLU D 133 15.81 -9.68 -23.40
N ALA D 134 15.32 -9.91 -24.63
CA ALA D 134 14.84 -8.82 -25.48
C ALA D 134 13.62 -8.16 -24.92
N LEU D 135 12.70 -8.96 -24.33
CA LEU D 135 11.48 -8.44 -23.73
C LEU D 135 11.79 -7.60 -22.51
N LEU D 136 12.73 -8.05 -21.67
CA LEU D 136 13.15 -7.33 -20.48
C LEU D 136 13.80 -6.00 -20.85
N ASP D 137 14.58 -5.96 -21.95
CA ASP D 137 15.19 -4.69 -22.37
C ASP D 137 14.09 -3.73 -22.83
N ARG D 138 13.05 -4.25 -23.51
CA ARG D 138 11.94 -3.41 -23.98
C ARG D 138 11.17 -2.84 -22.79
N TYR D 139 10.80 -3.69 -21.80
CA TYR D 139 10.04 -3.25 -20.64
C TYR D 139 10.82 -2.23 -19.83
N PHE D 140 12.08 -2.52 -19.56
CA PHE D 140 12.91 -1.65 -18.75
C PHE D 140 13.62 -0.53 -19.54
N GLU D 141 12.85 0.17 -20.41
CA GLU D 141 13.32 1.30 -21.23
C GLU D 141 12.14 2.06 -21.89
#